data_5LHQ
#
_entry.id   5LHQ
#
_cell.length_a   94.250
_cell.length_b   94.250
_cell.length_c   122.990
_cell.angle_alpha   90.00
_cell.angle_beta   90.00
_cell.angle_gamma   120.00
#
_symmetry.space_group_name_H-M   'P 31 2 1'
#
loop_
_entity.id
_entity.type
_entity.pdbx_description
1 polymer 'Urokinase-type plasminogen activator'
2 polymer 'Camelid-Derived Antibody Fragment Nb7'
3 non-polymer L-alpha-glutamyl-N-{(1S)-4-{[amino(iminio)methyl]amino}-1-[(1S)-2-chloro-1-hydroxyethyl]butyl}glycinamide
4 non-polymer 'SULFATE ION'
5 non-polymer 1,2-ETHANEDIOL
6 water water
#
loop_
_entity_poly.entity_id
_entity_poly.type
_entity_poly.pdbx_seq_one_letter_code
_entity_poly.pdbx_strand_id
1 'polypeptide(L)'
;IVGGEFTEVENQPWFAAIYQKNKGGSPPSFKCGGSLISPCWVASAAHCFIQLPKKENYVVYLGQSKESSYNPGEMKFEVE
QLILHEYYREDSLAYHNDIALLKIRTSTGQCAQPSRSIQTIALPPRFTDAPFGSDCEITGFGKESESDYLYPKNLKMSVV
KLVSHEQCMQPHYYGSEINYKMLCAADPEWKTDSCKGDSGGPLICNIEGRPTLSGIVSWGRGCAEKNKPGVYTRVSHFLD
WIQSHIG
;
A
2 'polypeptide(L)'
;QVQLQESGGGLVQPGGSLRLSCAASGFTLGYYAIGWFRRAPGKEREGVSCISSSGGSTNYADSVKGRFTISRDNAKNTVD
LQMNSLKPEDTAIYYCAAEWVPPGYGATVQALCNNAGYGMEYWGKGTQVTVSSAAAYPYDVPDYGSHHHHHH
;
B
#
loop_
_chem_comp.id
_chem_comp.type
_chem_comp.name
_chem_comp.formula
0GJ peptide-like L-alpha-glutamyl-N-{(1S)-4-{[amino(iminio)methyl]amino}-1-[(1S)-2-chloro-1-hydroxyethyl]butyl}glycinamide 'C14 H28 Cl N6 O5 1'
EDO non-polymer 1,2-ETHANEDIOL 'C2 H6 O2'
SO4 non-polymer 'SULFATE ION' 'O4 S -2'
#
# COMPACT_ATOMS: atom_id res chain seq x y z
N ILE A 1 -1.38 15.86 -0.68
CA ILE A 1 -1.38 16.88 0.38
C ILE A 1 -0.55 18.12 -0.01
N VAL A 2 -1.13 19.30 0.22
CA VAL A 2 -0.52 20.56 -0.17
C VAL A 2 0.04 21.07 1.11
N GLY A 3 1.28 21.52 1.04
CA GLY A 3 1.96 22.11 2.17
C GLY A 3 2.19 20.98 3.16
N GLY A 4 2.40 21.31 4.42
CA GLY A 4 2.64 20.37 5.50
C GLY A 4 4.01 19.66 5.48
N GLU A 5 4.15 18.55 6.22
CA GLU A 5 5.37 17.71 6.28
C GLU A 5 5.37 16.25 5.75
N PHE A 6 6.55 15.65 5.45
CA PHE A 6 6.51 14.20 5.14
C PHE A 6 6.60 13.38 6.44
N THR A 7 5.71 12.38 6.52
CA THR A 7 5.55 11.47 7.68
C THR A 7 6.40 10.20 7.74
N GLU A 8 6.33 9.60 8.93
CA GLU A 8 7.01 8.32 9.20
C GLU A 8 6.04 7.33 9.84
N VAL A 9 6.66 6.22 10.24
CA VAL A 9 6.10 4.97 10.74
C VAL A 9 5.27 5.38 11.97
N GLU A 10 4.30 4.60 12.39
CA GLU A 10 3.55 4.99 13.57
C GLU A 10 2.91 6.38 13.58
N ASN A 11 2.85 7.10 12.47
CA ASN A 11 2.22 8.44 12.49
C ASN A 11 0.80 8.50 11.97
N GLN A 12 0.49 7.49 11.16
CA GLN A 12 -0.79 7.25 10.51
C GLN A 12 -0.75 5.78 10.19
N PRO A 13 -0.62 4.97 11.26
CA PRO A 13 -0.51 3.54 10.98
C PRO A 13 -1.84 2.92 10.56
N TRP A 14 -2.89 3.73 10.47
CA TRP A 14 -4.16 3.26 9.99
C TRP A 14 -4.20 3.58 8.47
N PHE A 15 -3.19 4.32 7.97
CA PHE A 15 -3.25 4.71 6.58
C PHE A 15 -3.13 3.55 5.59
N ALA A 16 -3.99 3.58 4.59
CA ALA A 16 -4.02 2.56 3.56
C ALA A 16 -3.77 3.19 2.18
N ALA A 17 -2.78 2.68 1.45
CA ALA A 17 -2.53 3.11 0.07
C ALA A 17 -3.28 2.19 -0.89
N ILE A 18 -4.22 2.74 -1.65
CA ILE A 18 -5.02 1.89 -2.55
C ILE A 18 -4.63 2.00 -4.00
N TYR A 19 -4.19 0.87 -4.56
CA TYR A 19 -3.71 0.87 -5.93
C TYR A 19 -4.63 0.16 -6.91
N GLN A 20 -4.65 0.67 -8.14
CA GLN A 20 -5.39 -0.03 -9.17
C GLN A 20 -4.41 -0.83 -10.01
N LYS A 21 -4.78 -2.07 -10.29
CA LYS A 21 -3.94 -3.00 -11.06
C LYS A 21 -3.93 -2.70 -12.55
N ASN A 22 -2.75 -2.82 -13.15
CA ASN A 22 -2.57 -2.69 -14.60
C ASN A 22 -2.44 -4.09 -15.27
N LYS A 23 -2.83 -4.20 -16.53
CA LYS A 23 -2.88 -5.52 -17.15
C LYS A 23 -1.51 -6.00 -17.52
N GLY A 24 -1.24 -7.29 -17.31
CA GLY A 24 0.12 -7.70 -17.52
C GLY A 24 0.93 -7.57 -16.27
N GLY A 25 2.22 -7.75 -16.45
CA GLY A 25 3.14 -7.58 -15.35
C GLY A 25 3.53 -6.12 -15.11
N SER A 26 2.66 -5.18 -15.49
CA SER A 26 2.90 -3.76 -15.20
C SER A 26 2.58 -3.47 -13.72
N PRO A 27 3.44 -2.71 -13.04
CA PRO A 27 3.14 -2.32 -11.66
C PRO A 27 1.81 -1.56 -11.57
N PRO A 28 1.12 -1.68 -10.44
CA PRO A 28 -0.18 -1.02 -10.28
C PRO A 28 0.02 0.48 -10.17
N SER A 29 -1.06 1.22 -10.31
CA SER A 29 -1.03 2.68 -10.20
C SER A 29 -1.69 3.16 -8.93
N PHE A 30 -1.07 4.10 -8.22
CA PHE A 30 -1.69 4.63 -7.02
C PHE A 30 -3.02 5.31 -7.35
N LYS A 31 -4.07 5.02 -6.59
CA LYS A 31 -5.39 5.58 -6.90
C LYS A 31 -6.02 6.44 -5.77
N CYS A 32 -5.86 6.03 -4.52
CA CYS A 32 -6.50 6.69 -3.37
C CYS A 32 -5.94 6.27 -2.05
N GLY A 33 -6.27 7.06 -1.02
CA GLY A 33 -5.95 6.71 0.34
C GLY A 33 -7.10 6.00 1.03
N GLY A 34 -6.84 5.57 2.27
CA GLY A 34 -7.82 4.87 3.05
C GLY A 34 -7.42 4.70 4.50
N SER A 35 -8.35 4.17 5.29
CA SER A 35 -8.15 4.02 6.72
C SER A 35 -8.57 2.65 7.19
N LEU A 36 -7.70 2.03 7.96
CA LEU A 36 -7.98 0.73 8.58
C LEU A 36 -8.87 0.93 9.80
N ILE A 37 -10.16 0.58 9.66
CA ILE A 37 -11.08 0.76 10.78
C ILE A 37 -11.28 -0.54 11.57
N SER A 38 -10.98 -1.66 10.94
CA SER A 38 -11.01 -2.98 11.54
C SER A 38 -9.86 -3.73 10.93
N PRO A 39 -9.38 -4.74 11.62
CA PRO A 39 -8.31 -5.56 11.04
C PRO A 39 -8.62 -6.05 9.60
N CYS A 40 -9.89 -6.17 9.23
CA CYS A 40 -10.27 -6.64 7.91
C CYS A 40 -10.92 -5.60 7.02
N TRP A 41 -11.08 -4.38 7.55
CA TRP A 41 -11.85 -3.37 6.83
C TRP A 41 -11.19 -2.02 6.68
N VAL A 42 -11.18 -1.56 5.44
CA VAL A 42 -10.67 -0.25 5.11
C VAL A 42 -11.81 0.61 4.60
N ALA A 43 -11.89 1.81 5.16
CA ALA A 43 -12.84 2.82 4.71
C ALA A 43 -12.13 3.80 3.75
N SER A 44 -12.78 4.12 2.63
CA SER A 44 -12.25 5.05 1.66
C SER A 44 -13.44 5.73 0.90
N ALA A 45 -13.15 6.54 -0.13
CA ALA A 45 -14.21 7.25 -0.87
C ALA A 45 -14.78 6.48 -2.08
N ALA A 46 -16.09 6.54 -2.30
CA ALA A 46 -16.66 5.78 -3.40
C ALA A 46 -16.22 6.26 -4.75
N HIS A 47 -16.02 7.56 -4.88
CA HIS A 47 -15.62 8.18 -6.12
C HIS A 47 -14.31 7.67 -6.60
N CYS A 48 -13.60 7.00 -5.73
CA CYS A 48 -12.34 6.41 -6.13
C CYS A 48 -12.57 5.12 -6.93
N PHE A 49 -13.76 4.53 -6.82
CA PHE A 49 -13.97 3.21 -7.39
C PHE A 49 -15.10 3.14 -8.36
N ILE A 50 -15.78 4.27 -8.54
CA ILE A 50 -17.00 4.31 -9.34
C ILE A 50 -16.78 3.92 -10.81
N GLN A 51 -15.61 4.20 -11.37
CA GLN A 51 -15.35 3.84 -12.77
C GLN A 51 -15.17 2.31 -12.93
N LEU A 52 -14.50 1.69 -11.97
CA LEU A 52 -14.28 0.26 -11.94
C LEU A 52 -14.59 -0.31 -10.57
N PRO A 53 -15.89 -0.50 -10.29
CA PRO A 53 -16.34 -0.94 -8.97
C PRO A 53 -16.16 -2.43 -8.64
N LYS A 54 -15.43 -3.16 -9.45
CA LYS A 54 -15.15 -4.57 -9.15
C LYS A 54 -13.87 -4.72 -8.32
N LYS A 55 -13.95 -5.53 -7.28
CA LYS A 55 -12.84 -5.63 -6.33
C LYS A 55 -11.54 -6.13 -6.90
N GLU A 56 -11.62 -6.87 -8.01
CA GLU A 56 -10.42 -7.50 -8.55
C GLU A 56 -9.42 -6.48 -9.06
N ASN A 57 -9.86 -5.24 -9.24
CA ASN A 57 -8.97 -4.23 -9.80
C ASN A 57 -8.06 -3.55 -8.81
N TYR A 58 -8.13 -3.95 -7.54
CA TYR A 58 -7.40 -3.18 -6.55
C TYR A 58 -6.54 -4.05 -5.65
N VAL A 59 -5.55 -3.40 -5.07
CA VAL A 59 -4.69 -4.01 -4.10
C VAL A 59 -4.33 -2.92 -3.08
N VAL A 60 -4.38 -3.27 -1.80
CA VAL A 60 -4.20 -2.34 -0.69
C VAL A 60 -2.87 -2.60 0.03
N TYR A 61 -2.11 -1.56 0.36
CA TYR A 61 -0.84 -1.69 1.09
C TYR A 61 -0.95 -0.95 2.43
N LEU A 62 -0.39 -1.54 3.49
CA LEU A 62 -0.47 -0.94 4.83
C LEU A 62 0.92 -0.83 5.41
N GLY A 63 1.05 -0.10 6.51
CA GLY A 63 2.32 0.00 7.19
C GLY A 63 3.41 0.72 6.43
N GLN A 64 3.02 1.66 5.58
CA GLN A 64 4.02 2.40 4.81
C GLN A 64 4.79 3.26 5.72
N SER A 65 6.10 3.19 5.54
CA SER A 65 7.01 3.96 6.32
C SER A 65 8.43 3.81 5.78
N LYS A 66 9.29 4.80 6.01
CA LYS A 66 10.66 4.70 5.51
C LYS A 66 11.48 3.86 6.43
N GLU A 67 10.91 3.51 7.56
CA GLU A 67 11.62 2.69 8.50
C GLU A 67 10.95 1.33 8.56
N SER A 68 9.98 1.10 7.69
CA SER A 68 9.30 -0.19 7.66
C SER A 68 9.83 -1.00 6.48
N SER A 69 10.24 -2.23 6.76
CA SER A 69 10.77 -3.11 5.71
C SER A 69 9.58 -3.75 5.02
N TYR A 70 9.48 -3.58 3.71
CA TYR A 70 8.31 -4.15 3.02
C TYR A 70 8.30 -5.66 3.10
N ASN A 71 7.19 -6.17 3.64
CA ASN A 71 6.87 -7.58 3.68
C ASN A 71 5.52 -7.85 3.02
N PRO A 72 5.56 -8.44 1.82
CA PRO A 72 4.32 -8.70 1.09
C PRO A 72 3.40 -9.68 1.81
N GLY A 73 3.93 -10.48 2.73
CA GLY A 73 3.09 -11.44 3.41
C GLY A 73 2.16 -10.81 4.41
N GLU A 74 2.56 -9.65 4.91
CA GLU A 74 1.80 -8.98 5.93
C GLU A 74 1.32 -7.56 5.53
N MET A 75 1.88 -6.99 4.46
CA MET A 75 1.57 -5.59 4.16
C MET A 75 0.78 -5.38 2.89
N LYS A 76 0.68 -6.43 2.07
CA LYS A 76 -0.13 -6.44 0.85
C LYS A 76 -1.44 -7.18 1.02
N PHE A 77 -2.51 -6.63 0.47
CA PHE A 77 -3.84 -7.18 0.70
C PHE A 77 -4.63 -7.19 -0.60
N GLU A 78 -5.28 -8.29 -0.87
CA GLU A 78 -6.29 -8.32 -1.92
C GLU A 78 -7.60 -7.86 -1.32
N VAL A 79 -8.48 -7.40 -2.18
CA VAL A 79 -9.77 -6.90 -1.75
C VAL A 79 -10.81 -8.01 -1.96
N GLU A 80 -11.35 -8.57 -0.88
CA GLU A 80 -12.30 -9.66 -1.11
C GLU A 80 -13.71 -9.14 -1.12
N GLN A 81 -13.88 -7.90 -0.68
CA GLN A 81 -15.19 -7.20 -0.80
C GLN A 81 -14.99 -5.72 -1.00
N LEU A 82 -15.64 -5.18 -2.04
CA LEU A 82 -15.65 -3.73 -2.34
C LEU A 82 -17.05 -3.20 -2.30
N ILE A 83 -17.35 -2.37 -1.31
CA ILE A 83 -18.71 -1.90 -1.12
C ILE A 83 -18.83 -0.37 -1.25
N LEU A 84 -19.54 0.06 -2.26
CA LEU A 84 -19.86 1.47 -2.44
C LEU A 84 -21.23 1.79 -1.91
N HIS A 85 -21.37 2.99 -1.37
CA HIS A 85 -22.66 3.42 -0.88
C HIS A 85 -23.68 3.41 -2.01
N GLU A 86 -24.81 2.79 -1.76
CA GLU A 86 -25.80 2.58 -2.79
C GLU A 86 -26.44 3.87 -3.29
N TYR A 87 -26.31 4.95 -2.51
CA TYR A 87 -26.85 6.26 -2.90
C TYR A 87 -25.76 7.25 -3.17
N TYR A 88 -24.62 6.77 -3.65
CA TYR A 88 -23.54 7.63 -4.08
C TYR A 88 -23.99 8.37 -5.36
N ARG A 89 -23.90 9.70 -5.36
CA ARG A 89 -24.25 10.45 -6.57
C ARG A 89 -23.21 11.52 -6.82
N GLU A 90 -23.07 11.92 -8.09
CA GLU A 90 -22.14 12.99 -8.42
C GLU A 90 -23.02 14.19 -8.74
N ASP A 91 -22.82 15.27 -8.01
CA ASP A 91 -23.57 16.50 -8.25
C ASP A 91 -22.67 17.48 -9.02
N SER A 92 -23.12 18.71 -9.19
CA SER A 92 -22.39 19.74 -9.95
C SER A 92 -20.97 19.93 -9.46
N LEU A 93 -20.77 19.91 -8.15
CA LEU A 93 -19.42 20.13 -7.62
C LEU A 93 -19.18 19.15 -6.47
N ALA A 94 -20.24 18.79 -5.75
CA ALA A 94 -20.10 17.93 -4.58
C ALA A 94 -20.41 16.45 -4.92
N TYR A 95 -19.84 15.56 -4.13
CA TYR A 95 -20.20 14.15 -4.12
C TYR A 95 -21.10 13.88 -2.94
N HIS A 96 -22.08 13.02 -3.14
CA HIS A 96 -22.98 12.60 -2.08
C HIS A 96 -22.73 11.15 -1.68
N ASN A 97 -22.73 10.91 -0.36
CA ASN A 97 -22.45 9.57 0.15
C ASN A 97 -21.16 8.99 -0.40
N ASP A 98 -20.12 9.81 -0.37
CA ASP A 98 -18.82 9.43 -0.94
C ASP A 98 -18.07 8.57 0.03
N ILE A 99 -18.49 7.33 0.14
CA ILE A 99 -17.84 6.43 1.07
C ILE A 99 -17.87 5.01 0.59
N ALA A 100 -16.84 4.27 0.94
CA ALA A 100 -16.69 2.92 0.47
C ALA A 100 -15.94 2.09 1.50
N LEU A 101 -16.28 0.81 1.55
CA LEU A 101 -15.66 -0.16 2.45
C LEU A 101 -14.97 -1.25 1.66
N LEU A 102 -13.72 -1.52 2.02
CA LEU A 102 -12.94 -2.58 1.38
C LEU A 102 -12.60 -3.66 2.40
N LYS A 103 -13.04 -4.90 2.16
CA LYS A 103 -12.61 -5.98 3.05
C LYS A 103 -11.33 -6.60 2.53
N ILE A 104 -10.31 -6.61 3.37
CA ILE A 104 -9.00 -7.00 2.89
C ILE A 104 -8.49 -8.31 3.51
N ARG A 105 -7.60 -8.99 2.79
CA ARG A 105 -6.90 -10.18 3.29
C ARG A 105 -5.58 -10.43 2.57
N THR A 106 -4.61 -10.92 3.30
CA THR A 106 -3.33 -11.25 2.72
C THR A 106 -3.40 -12.46 1.77
N SER A 107 -2.26 -12.82 1.20
CA SER A 107 -2.22 -13.95 0.29
C SER A 107 -2.55 -15.28 0.99
N THR A 108 -2.36 -15.34 2.31
CA THR A 108 -2.64 -16.54 3.09
C THR A 108 -4.00 -16.41 3.79
N GLY A 109 -4.73 -15.33 3.46
CA GLY A 109 -6.09 -15.14 3.92
C GLY A 109 -6.27 -14.45 5.26
N GLN A 110 -5.19 -13.91 5.82
CA GLN A 110 -5.30 -13.21 7.09
C GLN A 110 -5.71 -11.75 6.94
N CYS A 111 -6.23 -11.20 8.02
CA CYS A 111 -6.49 -9.80 8.06
C CYS A 111 -5.24 -9.11 8.53
N ALA A 112 -5.34 -7.82 8.73
CA ALA A 112 -4.23 -7.01 9.21
C ALA A 112 -3.89 -7.34 10.67
N GLN A 113 -2.63 -7.63 10.90
CA GLN A 113 -2.10 -7.91 12.21
C GLN A 113 -1.33 -6.70 12.74
N PRO A 114 -1.78 -6.15 13.87
CA PRO A 114 -1.22 -4.92 14.45
C PRO A 114 0.28 -4.91 14.67
N SER A 115 0.87 -3.73 14.53
CA SER A 115 2.31 -3.59 14.74
C SER A 115 2.55 -2.13 15.03
N ARG A 116 3.80 -1.73 15.11
CA ARG A 116 4.12 -0.34 15.35
C ARG A 116 3.69 0.46 14.16
N SER A 117 3.56 -0.22 13.03
CA SER A 117 3.28 0.48 11.79
C SER A 117 1.86 0.20 11.24
N ILE A 118 1.13 -0.71 11.87
CA ILE A 118 -0.24 -0.97 11.43
C ILE A 118 -1.16 -0.98 12.64
N GLN A 119 -2.03 0.01 12.70
CA GLN A 119 -3.04 0.15 13.73
C GLN A 119 -4.39 0.50 13.13
N THR A 120 -5.46 0.17 13.85
CA THR A 120 -6.79 0.60 13.44
C THR A 120 -6.98 2.01 13.97
N ILE A 121 -7.95 2.70 13.40
CA ILE A 121 -8.30 4.04 13.86
C ILE A 121 -9.73 3.97 14.39
N ALA A 122 -9.99 4.65 15.49
CA ALA A 122 -11.30 4.57 16.12
C ALA A 122 -12.33 5.40 15.36
N LEU A 123 -13.56 4.88 15.28
CA LEU A 123 -14.68 5.63 14.69
C LEU A 123 -15.30 6.60 15.72
N PRO A 124 -15.93 7.69 15.27
CA PRO A 124 -16.50 8.62 16.26
C PRO A 124 -17.77 8.02 16.89
N PRO A 125 -18.18 8.55 18.06
CA PRO A 125 -19.52 8.22 18.54
C PRO A 125 -20.54 8.76 17.55
N ARG A 126 -21.72 8.19 17.46
CA ARG A 126 -22.72 8.69 16.53
C ARG A 126 -23.08 10.16 16.60
N PHE A 127 -22.89 10.85 15.49
CA PHE A 127 -23.29 12.26 15.34
C PHE A 127 -22.45 13.21 16.17
N THR A 128 -21.32 12.72 16.64
CA THR A 128 -20.39 13.43 17.49
C THR A 128 -19.17 13.86 16.69
N ASP A 129 -18.87 15.14 16.73
CA ASP A 129 -17.68 15.64 16.06
C ASP A 129 -16.90 16.51 17.00
N ALA A 130 -15.61 16.67 16.73
CA ALA A 130 -14.80 17.64 17.45
C ALA A 130 -15.41 19.01 17.19
N PRO A 131 -15.23 19.97 18.12
CA PRO A 131 -15.77 21.32 17.84
C PRO A 131 -15.13 22.02 16.63
N PHE A 132 -15.85 22.97 16.03
CA PHE A 132 -15.25 23.68 14.90
C PHE A 132 -14.06 24.51 15.39
N GLY A 133 -12.99 24.52 14.60
CA GLY A 133 -11.77 25.20 15.00
C GLY A 133 -10.79 24.22 15.60
N SER A 134 -11.22 22.95 15.73
CA SER A 134 -10.32 21.91 16.21
C SER A 134 -9.24 21.64 15.15
N ASP A 135 -8.08 21.19 15.62
CA ASP A 135 -6.98 20.78 14.75
C ASP A 135 -7.11 19.30 14.38
N CYS A 136 -7.34 19.02 13.11
CA CYS A 136 -7.36 17.65 12.63
C CYS A 136 -6.18 17.41 11.70
N GLU A 137 -5.76 16.18 11.53
CA GLU A 137 -4.62 16.00 10.65
C GLU A 137 -5.04 15.16 9.45
N ILE A 138 -4.54 15.57 8.29
CA ILE A 138 -4.81 14.85 7.05
C ILE A 138 -3.55 14.20 6.53
N THR A 139 -3.69 13.18 5.67
CA THR A 139 -2.53 12.39 5.20
C THR A 139 -2.74 11.78 3.83
N GLY A 140 -1.69 11.81 3.01
CA GLY A 140 -1.79 11.15 1.73
C GLY A 140 -0.57 11.21 0.84
N PHE A 141 -0.73 10.62 -0.34
CA PHE A 141 0.26 10.68 -1.42
C PHE A 141 -0.18 11.58 -2.56
N GLY A 142 -1.24 12.38 -2.34
CA GLY A 142 -1.81 13.22 -3.39
C GLY A 142 -0.90 14.36 -3.81
N LYS A 143 -1.28 15.11 -4.85
CA LYS A 143 -0.45 16.21 -5.38
C LYS A 143 -0.02 17.23 -4.31
N GLU A 144 1.11 17.92 -4.52
CA GLU A 144 1.55 18.89 -3.50
C GLU A 144 1.25 20.32 -3.94
N SER A 145 0.61 20.41 -5.10
CA SER A 145 0.00 21.61 -5.62
C SER A 145 -1.21 21.13 -6.42
N GLU A 146 -2.10 22.03 -6.82
CA GLU A 146 -3.30 21.62 -7.57
C GLU A 146 -2.78 21.50 -9.02
N SER A 147 -2.17 22.59 -9.48
CA SER A 147 -1.48 22.69 -10.75
C SER A 147 -0.40 21.62 -11.07
N ASP A 148 0.20 20.98 -10.06
CA ASP A 148 1.04 19.80 -10.33
C ASP A 148 0.29 18.56 -10.80
N TYR A 149 1.02 17.71 -11.51
CA TYR A 149 0.48 16.46 -12.03
C TYR A 149 1.19 15.35 -11.25
N LEU A 150 2.36 15.69 -10.71
CA LEU A 150 3.18 14.76 -9.92
C LEU A 150 2.51 14.38 -8.60
N TYR A 151 2.59 13.10 -8.28
CA TYR A 151 2.24 12.64 -6.96
C TYR A 151 3.56 12.47 -6.18
N PRO A 152 3.59 12.84 -4.89
CA PRO A 152 4.81 12.70 -4.09
C PRO A 152 5.25 11.24 -3.89
N LYS A 153 6.50 11.06 -3.49
CA LYS A 153 7.12 9.75 -3.35
C LYS A 153 6.83 9.16 -1.95
N ASN A 154 6.77 10.04 -0.95
CA ASN A 154 6.62 9.58 0.42
C ASN A 154 5.42 10.20 1.12
N LEU A 155 5.01 9.55 2.21
CA LEU A 155 3.79 9.91 2.91
C LEU A 155 3.85 11.30 3.51
N LYS A 156 2.83 12.11 3.27
CA LYS A 156 2.79 13.45 3.86
C LYS A 156 1.59 13.58 4.81
N MET A 157 1.74 14.46 5.82
CA MET A 157 0.65 14.78 6.74
C MET A 157 0.59 16.29 6.99
N SER A 158 -0.59 16.80 7.30
CA SER A 158 -0.69 18.22 7.56
C SER A 158 -1.81 18.41 8.57
N VAL A 159 -1.98 19.65 9.06
CA VAL A 159 -2.98 19.96 10.06
C VAL A 159 -3.90 21.04 9.50
N VAL A 160 -5.19 20.76 9.48
CA VAL A 160 -6.22 21.69 9.07
C VAL A 160 -7.18 21.88 10.22
N LYS A 161 -8.03 22.88 10.13
CA LYS A 161 -8.99 23.19 11.18
C LYS A 161 -10.40 22.97 10.71
N LEU A 162 -11.23 22.46 11.60
CA LEU A 162 -12.62 22.27 11.20
C LEU A 162 -13.32 23.61 10.98
N VAL A 163 -14.10 23.68 9.91
CA VAL A 163 -14.85 24.89 9.57
C VAL A 163 -16.33 24.55 9.71
N SER A 164 -17.05 25.43 10.38
CA SER A 164 -18.47 25.28 10.63
C SER A 164 -19.25 25.26 9.33
N HIS A 165 -20.39 24.59 9.38
CA HIS A 165 -21.22 24.56 8.19
C HIS A 165 -21.73 25.95 7.83
N GLU A 166 -22.08 26.75 8.85
CA GLU A 166 -22.56 28.12 8.65
C GLU A 166 -21.57 28.94 7.87
N GLN A 167 -20.30 28.81 8.21
CA GLN A 167 -19.27 29.53 7.49
C GLN A 167 -19.03 28.93 6.10
N CYS A 168 -19.15 27.61 6.00
CA CYS A 168 -18.82 26.90 4.77
C CYS A 168 -19.90 27.07 3.73
N MET A 169 -21.13 27.21 4.19
CA MET A 169 -22.30 27.39 3.32
C MET A 169 -22.55 28.86 2.93
N GLN A 170 -21.71 29.77 3.42
CA GLN A 170 -21.64 31.08 2.78
C GLN A 170 -21.43 30.98 1.28
N PRO A 171 -22.16 31.81 0.52
CA PRO A 171 -22.11 31.81 -0.94
C PRO A 171 -20.70 31.95 -1.48
N HIS A 172 -19.86 32.79 -0.89
CA HIS A 172 -18.50 32.91 -1.42
C HIS A 172 -17.59 31.74 -1.04
N TYR A 173 -18.19 30.74 -0.38
CA TYR A 173 -17.54 29.45 -0.10
C TYR A 173 -18.08 28.36 -1.02
N TYR A 174 -19.16 27.71 -0.62
CA TYR A 174 -19.73 26.60 -1.37
C TYR A 174 -21.24 26.74 -1.42
N GLY A 175 -21.77 27.62 -0.58
CA GLY A 175 -23.18 27.91 -0.61
C GLY A 175 -23.98 26.66 -0.28
N SER A 176 -24.94 26.36 -1.12
CA SER A 176 -25.85 25.29 -0.80
C SER A 176 -25.32 23.92 -1.24
N GLU A 177 -24.08 23.87 -1.70
CA GLU A 177 -23.58 22.59 -2.15
C GLU A 177 -22.87 21.84 -1.01
N ILE A 178 -23.02 22.34 0.20
CA ILE A 178 -22.50 21.70 1.40
C ILE A 178 -23.72 21.30 2.23
N ASN A 179 -23.89 20.00 2.53
CA ASN A 179 -24.93 19.56 3.48
C ASN A 179 -24.27 19.09 4.79
N TYR A 180 -25.09 18.62 5.74
CA TYR A 180 -24.57 18.28 7.05
C TYR A 180 -23.96 16.86 7.11
N LYS A 181 -23.98 16.13 5.99
CA LYS A 181 -23.30 14.83 5.90
C LYS A 181 -21.87 15.01 5.43
N MET A 182 -21.47 16.28 5.34
CA MET A 182 -20.11 16.68 4.95
C MET A 182 -19.45 17.45 6.06
N LEU A 183 -18.14 17.54 5.97
CA LEU A 183 -17.36 18.27 6.96
C LEU A 183 -16.34 19.14 6.22
N CYS A 184 -16.36 20.44 6.46
CA CYS A 184 -15.34 21.28 5.82
C CYS A 184 -14.12 21.45 6.73
N ALA A 185 -12.94 21.57 6.14
CA ALA A 185 -11.75 21.78 6.94
C ALA A 185 -10.72 22.51 6.13
N ALA A 186 -10.06 23.49 6.74
CA ALA A 186 -9.10 24.28 6.00
C ALA A 186 -8.00 24.86 6.86
N ASP A 187 -6.96 25.37 6.17
CA ASP A 187 -5.93 26.17 6.83
C ASP A 187 -6.47 27.59 6.92
N PRO A 188 -6.45 28.19 8.12
CA PRO A 188 -6.90 29.59 8.23
C PRO A 188 -6.09 30.55 7.37
N GLU A 189 -4.86 30.15 7.08
CA GLU A 189 -3.99 30.90 6.19
C GLU A 189 -4.06 30.38 4.72
N TRP A 190 -4.87 29.35 4.48
CA TRP A 190 -5.16 28.79 3.16
C TRP A 190 -3.92 28.34 2.40
N LYS A 191 -2.94 27.83 3.14
CA LYS A 191 -1.69 27.41 2.53
C LYS A 191 -1.56 25.89 2.56
N THR A 192 -2.24 25.22 3.50
CA THR A 192 -2.22 23.76 3.54
C THR A 192 -3.63 23.16 3.37
N ASP A 193 -3.70 21.98 2.76
CA ASP A 193 -4.96 21.33 2.35
C ASP A 193 -4.67 19.96 1.73
N SER A 194 -5.69 19.12 1.61
CA SER A 194 -5.56 17.87 0.87
C SER A 194 -5.84 18.14 -0.60
N CYS A 195 -5.41 17.24 -1.48
CA CYS A 195 -5.54 17.51 -2.90
C CYS A 195 -5.86 16.21 -3.67
N LYS A 196 -5.84 16.26 -5.00
CA LYS A 196 -6.14 15.10 -5.86
C LYS A 196 -5.24 13.94 -5.47
N GLY A 197 -5.85 12.79 -5.17
CA GLY A 197 -5.04 11.66 -4.75
C GLY A 197 -5.08 11.44 -3.25
N ASP A 198 -5.72 12.34 -2.49
CA ASP A 198 -5.82 12.08 -1.07
C ASP A 198 -7.12 11.39 -0.73
N SER A 199 -8.37 11.24 -1.70
CA SER A 199 -9.67 10.68 -1.46
C SER A 199 -9.67 9.32 -0.79
N GLY A 200 -10.28 9.23 0.22
CA GLY A 200 -10.44 8.03 1.02
C GLY A 200 -9.51 8.12 2.17
N GLY A 201 -8.55 9.04 2.09
CA GLY A 201 -7.62 9.19 3.20
C GLY A 201 -8.38 9.78 4.36
N PRO A 202 -7.77 9.74 5.54
CA PRO A 202 -8.40 10.17 6.80
C PRO A 202 -8.33 11.64 7.10
N LEU A 203 -9.37 12.08 7.81
CA LEU A 203 -9.35 13.34 8.52
C LEU A 203 -9.43 12.95 10.00
N ILE A 204 -8.34 13.12 10.73
CA ILE A 204 -8.25 12.63 12.10
C ILE A 204 -8.40 13.80 13.11
N CYS A 205 -9.51 13.81 13.82
CA CYS A 205 -9.78 14.81 14.85
C CYS A 205 -9.80 14.09 16.18
N ASN A 206 -9.52 14.82 17.26
CA ASN A 206 -9.51 14.24 18.59
C ASN A 206 -10.86 14.38 19.29
N ILE A 207 -11.55 13.24 19.46
CA ILE A 207 -12.85 13.23 20.12
C ILE A 207 -12.71 12.99 21.62
N GLU A 208 -12.67 14.06 22.39
CA GLU A 208 -12.55 13.96 23.84
C GLU A 208 -11.14 13.54 24.24
N GLY A 209 -10.18 13.82 23.36
CA GLY A 209 -8.79 13.47 23.61
C GLY A 209 -8.41 12.12 23.03
N ARG A 210 -9.15 11.69 22.01
CA ARG A 210 -8.89 10.42 21.36
C ARG A 210 -8.97 10.56 19.84
N PRO A 211 -7.89 10.18 19.17
CA PRO A 211 -7.84 10.25 17.69
C PRO A 211 -9.01 9.46 17.08
N THR A 212 -9.63 10.09 16.10
CA THR A 212 -10.89 9.64 15.54
C THR A 212 -10.99 9.94 14.03
N LEU A 213 -11.39 8.96 13.25
CA LEU A 213 -11.69 9.15 11.84
C LEU A 213 -12.96 9.98 11.75
N SER A 214 -12.85 11.28 11.59
CA SER A 214 -14.03 12.13 11.53
C SER A 214 -14.45 12.31 10.08
N GLY A 215 -13.47 12.33 9.20
CA GLY A 215 -13.74 12.57 7.80
C GLY A 215 -12.96 11.69 6.85
N ILE A 216 -13.50 11.59 5.65
CA ILE A 216 -12.86 10.91 4.54
C ILE A 216 -12.73 11.92 3.40
N VAL A 217 -11.50 12.14 2.93
CA VAL A 217 -11.23 13.12 1.86
C VAL A 217 -12.16 12.89 0.67
N SER A 218 -13.01 13.87 0.38
CA SER A 218 -13.95 13.72 -0.72
C SER A 218 -13.87 14.73 -1.92
N TRP A 219 -13.70 16.02 -1.64
CA TRP A 219 -13.66 17.00 -2.73
C TRP A 219 -13.30 18.43 -2.29
N GLY A 220 -13.29 19.32 -3.26
CA GLY A 220 -12.95 20.70 -3.01
C GLY A 220 -12.68 21.45 -4.28
N ARG A 221 -13.02 22.73 -4.34
CA ARG A 221 -12.73 23.54 -5.52
C ARG A 221 -11.26 23.94 -5.41
N GLY A 222 -10.43 23.38 -6.28
CA GLY A 222 -9.02 23.62 -6.19
C GLY A 222 -8.43 22.89 -5.00
N CYS A 223 -7.20 23.26 -4.64
CA CYS A 223 -6.53 22.72 -3.47
C CYS A 223 -5.89 23.90 -2.71
N ALA A 224 -6.22 24.02 -1.43
CA ALA A 224 -5.74 25.11 -0.61
C ALA A 224 -6.14 26.50 -1.18
N GLU A 225 -7.33 26.56 -1.77
CA GLU A 225 -7.84 27.80 -2.35
C GLU A 225 -8.55 28.64 -1.31
N LYS A 226 -8.40 29.96 -1.40
CA LYS A 226 -9.04 30.88 -0.47
C LYS A 226 -10.55 30.76 -0.53
N ASN A 227 -11.17 30.64 0.64
CA ASN A 227 -12.63 30.52 0.72
C ASN A 227 -13.12 29.17 0.22
N LYS A 228 -12.18 28.26 -0.03
CA LYS A 228 -12.53 26.92 -0.52
C LYS A 228 -11.84 25.84 0.32
N PRO A 229 -12.51 25.42 1.38
CA PRO A 229 -11.96 24.39 2.25
C PRO A 229 -12.08 23.01 1.60
N GLY A 230 -11.28 22.06 2.08
CA GLY A 230 -11.46 20.70 1.63
C GLY A 230 -12.75 20.17 2.23
N VAL A 231 -13.48 19.39 1.44
CA VAL A 231 -14.71 18.81 1.94
C VAL A 231 -14.49 17.33 2.18
N TYR A 232 -15.15 16.83 3.20
CA TYR A 232 -14.93 15.48 3.74
C TYR A 232 -16.25 14.81 4.08
N THR A 233 -16.32 13.52 3.83
CA THR A 233 -17.44 12.71 4.28
C THR A 233 -17.51 12.65 5.80
N ARG A 234 -18.64 13.05 6.34
CA ARG A 234 -18.76 13.13 7.78
C ARG A 234 -19.08 11.75 8.36
N VAL A 235 -18.04 11.08 8.84
CA VAL A 235 -18.16 9.69 9.25
C VAL A 235 -19.22 9.46 10.33
N SER A 236 -19.39 10.44 11.24
CA SER A 236 -20.35 10.31 12.34
C SER A 236 -21.79 10.08 11.82
N HIS A 237 -22.07 10.46 10.56
CA HIS A 237 -23.41 10.26 10.00
C HIS A 237 -23.50 9.03 9.13
N PHE A 238 -22.53 8.13 9.22
CA PHE A 238 -22.55 6.94 8.39
C PHE A 238 -22.26 5.72 9.22
N LEU A 239 -22.29 5.89 10.54
CA LEU A 239 -21.92 4.80 11.42
C LEU A 239 -22.84 3.62 11.22
N ASP A 240 -24.12 3.85 11.10
CA ASP A 240 -25.00 2.73 10.93
C ASP A 240 -24.69 2.01 9.64
N TRP A 241 -24.47 2.75 8.57
CA TRP A 241 -24.16 2.18 7.29
C TRP A 241 -22.93 1.32 7.43
N ILE A 242 -21.87 1.87 8.02
CA ILE A 242 -20.63 1.15 8.21
C ILE A 242 -20.79 -0.15 8.95
N GLN A 243 -21.44 -0.06 10.10
CA GLN A 243 -21.60 -1.23 10.94
C GLN A 243 -22.67 -2.15 10.42
N SER A 244 -23.39 -1.73 9.40
CA SER A 244 -24.32 -2.66 8.79
C SER A 244 -23.57 -3.56 7.79
N HIS A 245 -22.40 -3.09 7.33
CA HIS A 245 -21.61 -3.87 6.38
C HIS A 245 -20.54 -4.69 7.09
N ILE A 246 -20.55 -4.63 8.42
CA ILE A 246 -19.58 -5.37 9.23
C ILE A 246 -20.23 -5.81 10.54
N GLY A 247 -19.98 -7.06 10.92
CA GLY A 247 -20.53 -7.60 12.14
C GLY A 247 -20.61 -9.11 12.12
N GLN B 1 0.26 -13.10 -19.54
CA GLN B 1 1.35 -13.54 -20.42
C GLN B 1 2.68 -13.48 -19.65
N VAL B 2 2.56 -13.13 -18.39
CA VAL B 2 3.69 -13.09 -17.50
C VAL B 2 4.28 -14.48 -17.21
N GLN B 3 5.59 -14.61 -17.40
CA GLN B 3 6.28 -15.87 -17.20
C GLN B 3 7.63 -15.67 -16.51
N LEU B 4 7.86 -16.45 -15.45
CA LEU B 4 9.18 -16.58 -14.86
C LEU B 4 9.78 -17.94 -15.03
N GLN B 5 11.04 -17.99 -15.43
CA GLN B 5 11.65 -19.27 -15.66
C GLN B 5 13.07 -19.35 -15.20
N GLU B 6 13.31 -20.28 -14.28
CA GLU B 6 14.64 -20.55 -13.75
C GLU B 6 15.34 -21.55 -14.64
N SER B 7 16.66 -21.55 -14.56
CA SER B 7 17.46 -22.49 -15.32
C SER B 7 18.84 -22.61 -14.67
N GLY B 8 19.54 -23.69 -14.94
CA GLY B 8 20.87 -23.89 -14.37
C GLY B 8 20.96 -25.04 -13.41
N GLY B 9 19.83 -25.67 -13.12
CA GLY B 9 19.79 -26.80 -12.20
C GLY B 9 20.63 -27.96 -12.69
N GLY B 10 21.12 -28.76 -11.76
CA GLY B 10 21.93 -29.91 -12.11
C GLY B 10 22.49 -30.56 -10.86
N LEU B 11 23.46 -31.44 -11.06
CA LEU B 11 24.08 -32.23 -9.98
C LEU B 11 25.54 -31.86 -9.79
N VAL B 12 25.91 -31.38 -8.61
CA VAL B 12 27.27 -30.88 -8.46
C VAL B 12 27.94 -31.51 -7.24
N GLN B 13 29.23 -31.75 -7.34
CA GLN B 13 30.05 -32.24 -6.22
C GLN B 13 30.16 -31.23 -5.08
N PRO B 14 30.16 -31.70 -3.84
CA PRO B 14 30.33 -30.78 -2.69
C PRO B 14 31.61 -29.98 -2.78
N GLY B 15 31.45 -28.67 -2.57
CA GLY B 15 32.54 -27.74 -2.75
C GLY B 15 32.58 -27.12 -4.13
N GLY B 16 31.77 -27.67 -5.04
CA GLY B 16 31.70 -27.14 -6.39
C GLY B 16 30.84 -25.90 -6.49
N SER B 17 30.79 -25.31 -7.68
CA SER B 17 30.00 -24.09 -7.86
C SER B 17 28.91 -24.29 -8.93
N LEU B 18 27.90 -23.44 -8.87
CA LEU B 18 26.81 -23.55 -9.82
C LEU B 18 26.07 -22.23 -9.95
N ARG B 19 25.70 -21.87 -11.19
CA ARG B 19 25.01 -20.59 -11.42
C ARG B 19 23.59 -20.80 -11.93
N LEU B 20 22.65 -20.12 -11.29
CA LEU B 20 21.26 -20.16 -11.69
C LEU B 20 20.86 -18.86 -12.34
N SER B 21 19.89 -18.96 -13.22
CA SER B 21 19.39 -17.80 -13.88
C SER B 21 17.88 -17.84 -13.94
N CYS B 22 17.32 -16.67 -13.70
CA CYS B 22 15.91 -16.42 -13.76
C CYS B 22 15.63 -15.47 -14.90
N ALA B 23 14.87 -15.95 -15.86
CA ALA B 23 14.49 -15.08 -17.00
C ALA B 23 13.02 -14.75 -16.98
N ALA B 24 12.68 -13.54 -17.39
CA ALA B 24 11.29 -13.15 -17.44
C ALA B 24 10.85 -12.94 -18.88
N SER B 25 9.57 -13.21 -19.14
CA SER B 25 8.96 -12.89 -20.44
C SER B 25 7.52 -12.45 -20.18
N GLY B 26 7.07 -11.44 -20.93
CA GLY B 26 5.72 -10.91 -20.76
C GLY B 26 5.65 -9.63 -19.97
N PHE B 27 6.73 -9.29 -19.30
CA PHE B 27 6.80 -8.09 -18.50
C PHE B 27 8.25 -7.72 -18.30
N THR B 28 8.46 -6.50 -17.81
CA THR B 28 9.79 -6.00 -17.54
C THR B 28 10.17 -6.37 -16.11
N LEU B 29 11.15 -7.24 -15.98
CA LEU B 29 11.53 -7.70 -14.67
C LEU B 29 12.20 -6.63 -13.83
N GLY B 30 12.72 -5.60 -14.51
CA GLY B 30 13.50 -4.56 -13.86
C GLY B 30 12.75 -3.71 -12.87
N TYR B 31 11.42 -3.74 -12.94
CA TYR B 31 10.60 -2.99 -12.01
C TYR B 31 10.44 -3.77 -10.68
N TYR B 32 10.82 -5.04 -10.71
CA TYR B 32 10.54 -5.94 -9.61
C TYR B 32 11.73 -6.31 -8.75
N ALA B 33 11.44 -6.48 -7.47
CA ALA B 33 12.41 -7.07 -6.57
C ALA B 33 12.33 -8.57 -6.77
N ILE B 34 13.47 -9.26 -6.78
CA ILE B 34 13.48 -10.70 -7.02
C ILE B 34 14.08 -11.44 -5.81
N GLY B 35 13.42 -12.51 -5.42
CA GLY B 35 13.94 -13.41 -4.41
C GLY B 35 14.15 -14.82 -4.97
N TRP B 36 15.27 -15.42 -4.62
CA TRP B 36 15.50 -16.86 -4.81
C TRP B 36 15.16 -17.59 -3.55
N PHE B 37 14.19 -18.48 -3.64
CA PHE B 37 13.76 -19.31 -2.51
C PHE B 37 14.06 -20.76 -2.82
N ARG B 38 14.12 -21.58 -1.79
CA ARG B 38 14.39 -23.00 -2.05
C ARG B 38 13.57 -23.84 -1.12
N ARG B 39 13.14 -25.01 -1.61
CA ARG B 39 12.51 -25.98 -0.71
C ARG B 39 13.28 -27.27 -0.70
N ALA B 40 13.71 -27.66 0.50
CA ALA B 40 14.43 -28.91 0.68
C ALA B 40 13.35 -29.96 0.88
N PRO B 41 13.69 -31.24 0.65
CA PRO B 41 12.73 -32.36 0.73
C PRO B 41 11.98 -32.46 2.06
N GLY B 42 12.66 -32.12 3.15
CA GLY B 42 12.08 -32.21 4.48
C GLY B 42 11.50 -30.90 4.98
N LYS B 43 12.12 -29.79 4.61
CA LYS B 43 11.76 -28.50 5.19
C LYS B 43 10.74 -27.72 4.38
N GLU B 44 10.46 -26.52 4.86
CA GLU B 44 9.58 -25.63 4.12
C GLU B 44 10.41 -24.57 3.40
N ARG B 45 9.75 -23.79 2.56
CA ARG B 45 10.40 -22.83 1.68
C ARG B 45 11.11 -21.73 2.45
N GLU B 46 12.33 -21.43 2.04
CA GLU B 46 13.09 -20.37 2.69
C GLU B 46 13.78 -19.44 1.69
N GLY B 47 13.92 -18.19 2.09
CA GLY B 47 14.57 -17.20 1.28
C GLY B 47 16.05 -17.41 1.32
N VAL B 48 16.64 -17.53 0.16
CA VAL B 48 18.05 -17.70 0.02
C VAL B 48 18.71 -16.36 -0.15
N SER B 49 18.25 -15.63 -1.15
CA SER B 49 18.88 -14.37 -1.46
C SER B 49 17.97 -13.47 -2.27
N CYS B 50 17.88 -12.20 -1.91
CA CYS B 50 17.00 -11.27 -2.61
C CYS B 50 17.70 -10.02 -3.16
N ILE B 51 17.10 -9.39 -4.15
CA ILE B 51 17.71 -8.19 -4.71
C ILE B 51 16.60 -7.23 -5.14
N SER B 52 16.82 -5.95 -4.88
CA SER B 52 15.84 -4.94 -5.24
C SER B 52 15.85 -4.70 -6.73
N SER B 53 14.82 -4.04 -7.24
CA SER B 53 14.68 -3.82 -8.68
C SER B 53 15.90 -3.13 -9.35
N SER B 54 16.48 -2.13 -8.71
CA SER B 54 17.59 -1.40 -9.29
C SER B 54 18.90 -2.14 -9.08
N GLY B 55 18.88 -3.10 -8.18
CA GLY B 55 20.02 -3.93 -7.82
C GLY B 55 20.83 -3.34 -6.69
N GLY B 56 20.34 -2.23 -6.12
CA GLY B 56 21.08 -1.59 -5.05
C GLY B 56 21.01 -2.25 -3.68
N SER B 57 19.95 -3.01 -3.37
CA SER B 57 19.84 -3.63 -2.05
C SER B 57 19.80 -5.15 -2.18
N THR B 58 20.55 -5.85 -1.36
CA THR B 58 20.50 -7.30 -1.42
C THR B 58 20.34 -7.86 -0.03
N ASN B 59 19.90 -9.10 0.06
CA ASN B 59 19.85 -9.77 1.33
C ASN B 59 20.22 -11.21 1.15
N TYR B 60 20.93 -11.76 2.13
CA TYR B 60 21.31 -13.16 2.05
C TYR B 60 20.94 -13.84 3.35
N ALA B 61 20.49 -15.08 3.25
CA ALA B 61 20.30 -15.89 4.45
C ALA B 61 21.66 -16.17 5.04
N ASP B 62 21.71 -16.32 6.35
CA ASP B 62 22.98 -16.56 7.03
C ASP B 62 23.66 -17.83 6.51
N SER B 63 22.85 -18.80 6.06
CA SER B 63 23.39 -20.09 5.64
C SER B 63 24.32 -19.90 4.46
N VAL B 64 24.11 -18.86 3.66
CA VAL B 64 24.81 -18.75 2.38
C VAL B 64 25.73 -17.53 2.22
N LYS B 65 25.86 -16.73 3.28
CA LYS B 65 26.67 -15.50 3.21
C LYS B 65 28.11 -15.81 2.83
N GLY B 66 28.59 -15.12 1.81
CA GLY B 66 29.94 -15.30 1.36
C GLY B 66 30.09 -16.46 0.42
N ARG B 67 29.01 -17.20 0.19
CA ARG B 67 29.07 -18.34 -0.72
C ARG B 67 28.24 -18.11 -1.99
N PHE B 68 27.06 -17.51 -1.79
CA PHE B 68 26.11 -17.21 -2.87
C PHE B 68 26.14 -15.73 -3.22
N THR B 69 25.87 -15.41 -4.48
CA THR B 69 25.91 -14.01 -4.90
C THR B 69 24.80 -13.74 -5.92
N ILE B 70 23.87 -12.90 -5.55
CA ILE B 70 22.77 -12.56 -6.43
C ILE B 70 23.16 -11.33 -7.23
N SER B 71 22.72 -11.27 -8.48
CA SER B 71 22.97 -10.11 -9.32
C SER B 71 21.81 -10.00 -10.30
N ARG B 72 21.79 -8.95 -11.12
CA ARG B 72 20.74 -8.88 -12.11
C ARG B 72 21.19 -7.99 -13.24
N ASP B 73 20.53 -8.17 -14.38
CA ASP B 73 20.71 -7.40 -15.62
C ASP B 73 19.34 -6.98 -16.14
N ASN B 74 18.98 -5.71 -15.94
CA ASN B 74 17.68 -5.20 -16.35
C ASN B 74 17.60 -4.86 -17.82
N ALA B 75 18.72 -4.98 -18.51
CA ALA B 75 18.71 -4.83 -19.96
C ALA B 75 18.38 -6.17 -20.59
N LYS B 76 18.86 -7.26 -20.00
CA LYS B 76 18.61 -8.59 -20.51
C LYS B 76 17.40 -9.26 -19.85
N ASN B 77 16.76 -8.57 -18.90
CA ASN B 77 15.56 -9.07 -18.21
C ASN B 77 15.77 -10.36 -17.38
N THR B 78 16.90 -10.40 -16.67
CA THR B 78 17.33 -11.56 -15.89
C THR B 78 17.81 -11.23 -14.46
N VAL B 79 17.82 -12.27 -13.63
CA VAL B 79 18.42 -12.24 -12.28
C VAL B 79 19.24 -13.53 -12.05
N ASP B 80 20.51 -13.41 -11.72
CA ASP B 80 21.39 -14.58 -11.53
C ASP B 80 21.70 -14.91 -10.07
N LEU B 81 21.95 -16.18 -9.78
CA LEU B 81 22.39 -16.53 -8.44
C LEU B 81 23.64 -17.37 -8.58
N GLN B 82 24.79 -16.82 -8.19
CA GLN B 82 26.05 -17.57 -8.26
C GLN B 82 26.24 -18.34 -6.96
N MET B 83 26.38 -19.67 -7.07
CA MET B 83 26.52 -20.52 -5.90
C MET B 83 27.90 -21.16 -5.90
N ASN B 84 28.70 -20.76 -4.92
CA ASN B 84 30.03 -21.30 -4.72
C ASN B 84 30.13 -22.09 -3.41
N SER B 85 31.13 -22.97 -3.32
CA SER B 85 31.37 -23.76 -2.10
C SER B 85 30.09 -24.47 -1.67
N LEU B 86 29.47 -25.16 -2.62
CA LEU B 86 28.20 -25.78 -2.35
C LEU B 86 28.32 -26.90 -1.31
N LYS B 87 27.27 -27.05 -0.52
CA LYS B 87 27.26 -28.05 0.51
C LYS B 87 26.02 -28.92 0.26
N PRO B 88 26.05 -30.15 0.76
CA PRO B 88 24.88 -31.02 0.64
C PRO B 88 23.61 -30.40 1.17
N GLU B 89 23.73 -29.53 2.18
CA GLU B 89 22.60 -28.88 2.83
C GLU B 89 21.85 -27.96 1.87
N ASP B 90 22.52 -27.60 0.77
CA ASP B 90 21.97 -26.72 -0.25
C ASP B 90 21.09 -27.45 -1.25
N THR B 91 21.06 -28.77 -1.14
CA THR B 91 20.25 -29.54 -2.05
C THR B 91 18.78 -29.19 -1.94
N ALA B 92 18.20 -28.67 -3.01
CA ALA B 92 16.79 -28.27 -2.99
C ALA B 92 16.30 -27.90 -4.37
N ILE B 93 15.00 -27.61 -4.44
CA ILE B 93 14.38 -26.97 -5.60
C ILE B 93 14.47 -25.46 -5.36
N TYR B 94 15.05 -24.73 -6.31
CA TYR B 94 15.27 -23.29 -6.23
C TYR B 94 14.26 -22.58 -7.11
N TYR B 95 13.49 -21.71 -6.47
CA TYR B 95 12.48 -20.92 -7.17
C TYR B 95 12.88 -19.47 -7.29
N CYS B 96 12.54 -18.88 -8.41
CA CYS B 96 12.67 -17.44 -8.58
C CYS B 96 11.30 -16.80 -8.39
N ALA B 97 11.23 -15.70 -7.64
CA ALA B 97 9.95 -15.05 -7.40
C ALA B 97 10.08 -13.53 -7.53
N ALA B 98 9.06 -12.88 -8.07
CA ALA B 98 9.12 -11.43 -8.31
C ALA B 98 8.03 -10.65 -7.60
N GLU B 99 8.37 -9.49 -7.03
CA GLU B 99 7.38 -8.70 -6.32
C GLU B 99 7.65 -7.20 -6.49
N TRP B 100 6.60 -6.46 -6.81
CA TRP B 100 6.72 -5.03 -6.93
C TRP B 100 6.66 -4.40 -5.57
N VAL B 101 7.73 -3.69 -5.20
CA VAL B 101 7.76 -3.02 -3.91
C VAL B 101 7.20 -1.60 -4.04
N PRO B 102 6.06 -1.32 -3.39
CA PRO B 102 5.47 0.03 -3.47
C PRO B 102 6.39 1.05 -2.82
N PRO B 103 6.28 2.31 -3.24
CA PRO B 103 7.02 3.40 -2.57
C PRO B 103 6.56 3.68 -1.14
N GLY B 104 7.45 4.19 -0.31
CA GLY B 104 7.06 4.53 1.03
C GLY B 104 7.51 3.55 2.06
N TYR B 105 8.34 2.62 1.63
CA TYR B 105 8.90 1.69 2.58
C TYR B 105 10.41 1.93 2.65
N GLY B 106 11.06 1.19 3.55
CA GLY B 106 12.50 1.18 3.69
C GLY B 106 13.18 0.62 2.44
N ALA B 107 14.45 0.94 2.28
CA ALA B 107 15.18 0.53 1.09
C ALA B 107 15.56 -0.93 1.10
N THR B 108 15.44 -1.56 2.25
CA THR B 108 15.91 -2.94 2.44
C THR B 108 15.01 -3.98 1.75
N VAL B 109 15.57 -5.12 1.39
CA VAL B 109 14.76 -6.23 0.88
C VAL B 109 14.91 -7.40 1.85
N GLN B 110 15.21 -7.07 3.10
CA GLN B 110 15.45 -8.06 4.15
C GLN B 110 14.18 -8.83 4.48
N ALA B 111 13.10 -8.10 4.75
CA ALA B 111 11.83 -8.74 5.07
C ALA B 111 11.22 -9.48 3.89
N LEU B 112 11.60 -9.10 2.69
CA LEU B 112 11.11 -9.78 1.52
C LEU B 112 11.67 -11.19 1.48
N CYS B 113 12.81 -11.36 2.14
CA CYS B 113 13.58 -12.57 1.99
C CYS B 113 13.51 -13.51 3.21
N ASN B 114 13.21 -12.95 4.39
CA ASN B 114 13.22 -13.73 5.63
C ASN B 114 11.92 -14.46 5.91
N ASN B 115 10.96 -14.33 5.02
CA ASN B 115 9.60 -14.71 5.35
C ASN B 115 9.10 -15.82 4.46
N ALA B 116 10.00 -16.67 4.01
CA ALA B 116 9.60 -17.83 3.21
C ALA B 116 8.81 -17.46 1.94
N GLY B 117 8.90 -16.22 1.49
CA GLY B 117 8.28 -15.81 0.24
C GLY B 117 6.76 -15.73 0.16
N TYR B 118 6.09 -15.72 1.31
CA TYR B 118 4.64 -15.57 1.31
C TYR B 118 4.25 -14.19 0.77
N GLY B 119 3.38 -14.19 -0.22
CA GLY B 119 2.88 -12.95 -0.77
C GLY B 119 3.53 -12.45 -2.06
N MET B 120 4.66 -13.05 -2.44
CA MET B 120 5.37 -12.70 -3.67
C MET B 120 4.41 -12.95 -4.82
N GLU B 121 4.28 -11.97 -5.71
CA GLU B 121 3.30 -11.98 -6.76
C GLU B 121 3.50 -13.11 -7.77
N TYR B 122 4.69 -13.17 -8.36
CA TYR B 122 5.01 -14.12 -9.43
C TYR B 122 6.07 -15.16 -9.04
N TRP B 123 5.92 -16.38 -9.58
CA TRP B 123 6.82 -17.51 -9.27
C TRP B 123 7.20 -18.29 -10.52
N GLY B 124 8.43 -18.79 -10.56
CA GLY B 124 8.77 -19.71 -11.62
C GLY B 124 8.45 -21.11 -11.12
N LYS B 125 8.52 -22.09 -11.99
CA LYS B 125 8.21 -23.48 -11.62
C LYS B 125 9.36 -24.15 -10.86
N GLY B 126 10.55 -23.53 -10.85
CA GLY B 126 11.68 -24.02 -10.09
C GLY B 126 12.66 -24.92 -10.85
N THR B 127 13.92 -24.95 -10.40
CA THR B 127 14.96 -25.78 -11.01
C THR B 127 15.68 -26.55 -9.89
N GLN B 128 16.12 -27.79 -10.16
CA GLN B 128 16.68 -28.66 -9.11
C GLN B 128 18.17 -28.47 -8.89
N VAL B 129 18.56 -28.21 -7.65
CA VAL B 129 19.98 -28.15 -7.34
C VAL B 129 20.32 -29.28 -6.36
N THR B 130 21.17 -30.20 -6.82
CA THR B 130 21.56 -31.33 -6.00
C THR B 130 23.06 -31.38 -5.78
N VAL B 131 23.43 -31.42 -4.52
CA VAL B 131 24.81 -31.48 -4.12
C VAL B 131 25.05 -32.82 -3.47
N SER B 132 25.91 -33.63 -4.06
CA SER B 132 26.14 -34.96 -3.53
C SER B 132 27.49 -35.52 -3.92
N SER B 133 27.94 -36.52 -3.17
CA SER B 133 29.18 -37.22 -3.48
C SER B 133 29.01 -38.12 -4.68
N ALA B 134 27.76 -38.31 -5.10
CA ALA B 134 27.43 -39.13 -6.27
C ALA B 134 27.84 -38.45 -7.56
N ALA B 135 28.22 -37.18 -7.47
CA ALA B 135 28.66 -36.44 -8.64
C ALA B 135 30.15 -36.64 -8.89
N 0GJ C . -13.38 19.97 -8.09
CA 0GJ C . -12.56 18.85 -8.42
C 0GJ C . -12.65 17.81 -7.30
O 0GJ C . -12.07 18.00 -6.23
CB 0GJ C . -11.14 19.30 -8.58
CG 0GJ C . -10.39 18.30 -9.43
CD 0GJ C . -8.90 18.43 -9.16
OE1 0GJ C . -8.14 17.44 -9.36
OE2 0GJ C . -8.43 19.51 -8.74
N1 0GJ C . -13.42 16.59 -7.50
CA1 0GJ C . -13.50 15.61 -6.43
C1 0GJ C . -12.08 15.02 -6.16
O1 0GJ C . -11.32 14.85 -7.09
N2 0GJ C . -11.68 14.68 -4.81
CA2 0GJ C . -10.38 14.14 -4.57
C2 0GJ C . -10.49 12.65 -4.31
O2 0GJ C . -9.20 12.09 -4.20
CB1 0GJ C . -9.77 14.82 -3.34
CG1 0GJ C . -9.62 16.32 -3.62
CD1 0GJ C . -9.62 17.09 -2.27
NE 0GJ C . -10.20 18.39 -2.46
CZ 0GJ C . -9.67 19.53 -1.75
NH1 0GJ C . -10.26 20.83 -1.93
NH2 0GJ C . -8.64 19.38 -0.91
C3 0GJ C . -11.23 11.99 -5.47
S SO4 D . -28.42 12.59 -0.11
O1 SO4 D . -29.37 13.69 -0.34
O2 SO4 D . -29.06 11.55 0.70
O3 SO4 D . -28.05 12.02 -1.42
O4 SO4 D . -27.25 13.13 0.60
S SO4 E . -15.23 34.75 6.08
O1 SO4 E . -16.21 35.55 5.34
O2 SO4 E . -15.94 33.57 6.54
O3 SO4 E . -14.09 34.38 5.23
O4 SO4 E . -14.67 35.48 7.23
S SO4 F . -11.62 22.60 -9.68
O1 SO4 F . -12.34 23.87 -9.84
O2 SO4 F . -12.14 21.93 -8.48
O3 SO4 F . -11.90 21.78 -10.85
O4 SO4 F . -10.16 22.78 -9.51
S SO4 G . 6.46 -4.20 15.70
O1 SO4 G . 5.37 -3.24 15.76
O2 SO4 G . 6.14 -5.29 16.62
O3 SO4 G . 6.61 -4.77 14.35
O4 SO4 G . 7.67 -3.46 16.07
S SO4 H . -25.42 19.04 12.77
O1 SO4 H . -26.57 19.96 12.71
O2 SO4 H . -25.76 17.82 13.53
O3 SO4 H . -25.14 18.62 11.40
O4 SO4 H . -24.26 19.71 13.37
S SO4 I . -6.76 17.45 22.34
O1 SO4 I . -7.87 18.43 22.43
O2 SO4 I . -7.08 16.25 23.12
O3 SO4 I . -6.60 17.11 20.94
O4 SO4 I . -5.52 18.03 22.86
C1 EDO J . -21.11 12.43 1.96
O1 EDO J . -20.06 12.70 1.05
C2 EDO J . -22.16 13.52 1.98
O2 EDO J . -23.44 13.03 1.50
C1 EDO K . -22.08 4.61 19.77
O1 EDO K . -22.57 4.36 18.44
C2 EDO K . -22.44 6.01 20.31
O2 EDO K . -22.09 7.01 19.35
S SO4 L . 26.37 -36.77 0.09
O1 SO4 L . 25.17 -35.95 0.26
O2 SO4 L . 26.21 -38.05 0.79
O3 SO4 L . 26.54 -37.03 -1.34
O4 SO4 L . 27.55 -36.07 0.58
S SO4 M . 2.18 -17.29 -1.80
O1 SO4 M . 1.26 -16.15 -1.73
O2 SO4 M . 1.68 -18.28 -0.84
O3 SO4 M . 2.24 -17.87 -3.15
O4 SO4 M . 3.53 -16.86 -1.45
S SO4 N . 9.18 -10.64 -24.30
O1 SO4 N . 8.08 -9.68 -24.18
O2 SO4 N . 8.87 -11.85 -23.52
O3 SO4 N . 9.34 -11.06 -25.69
O4 SO4 N . 10.42 -10.01 -23.83
S SO4 O . 27.81 -22.93 -14.48
O1 SO4 O . 26.67 -22.01 -14.56
O2 SO4 O . 27.46 -24.05 -13.63
O3 SO4 O . 28.12 -23.40 -15.84
O4 SO4 O . 28.99 -22.27 -13.92
S SO4 P . 15.26 -0.18 -5.68
O1 SO4 P . 14.26 0.89 -5.71
O2 SO4 P . 14.75 -1.20 -4.80
O3 SO4 P . 15.38 -0.71 -7.04
O4 SO4 P . 16.58 0.26 -5.21
#